data_8EQE
#
_entry.id   8EQE
#
_cell.length_a   125.342
_cell.length_b   125.342
_cell.length_c   58.084
_cell.angle_alpha   90.000
_cell.angle_beta   90.000
_cell.angle_gamma   120.000
#
_symmetry.space_group_name_H-M   'P 32 2 1'
#
loop_
_entity.id
_entity.type
_entity.pdbx_description
1 polymer 'Eukaryotic translation initiation factor 2-alpha kinase 3'
2 non-polymer (2R)-N-[(4M)-4-(4-amino-2,7-dimethyl-7H-pyrrolo[2,3-d]pyrimidin-5-yl)-3-methylphenyl]-2-hydroxy-2-[3-(trifluoromethyl)phenyl]acetamide
3 water water
#
_entity_poly.entity_id   1
_entity_poly.type   'polypeptide(L)'
_entity_poly.pdbx_seq_one_letter_code
;GSSSWNDIKNSGYISRYLTDFEPIQCLGRGGFGVVFEAKNKVDDCNYAIKRIRLPNRELAREKVMREVKALAKLEHPGIV
RYFNAWLEAPPEKWQEKLQPSSPKVYLYIQMQLCRKENLKDWMNGRCTIEERERSVCLHIFLQIAEAVEFLHSKGLMHRN
LKPSNIFFTMDDVVKVGDFGLVTAMDQDEEEQTVLTPMPAYARHTGQVGTKLYMSPEQIHGNSYSHKVDIFSLGLILFEL
LYPFSTQMERVRTLTDVRNLKFPPLFTQKYPCEYVMVQDMLSPSPMERPEAINIIENAVFEDLDFPGKTVLRQRSRS
;
_entity_poly.pdbx_strand_id   AAA
#
loop_
_chem_comp.id
_chem_comp.type
_chem_comp.name
_chem_comp.formula
WQ2 non-polymer (2R)-N-[(4M)-4-(4-amino-2,7-dimethyl-7H-pyrrolo[2,3-d]pyrimidin-5-yl)-3-methylphenyl]-2-hydroxy-2-[3-(trifluoromethyl)phenyl]acetamide 'C24 H22 F3 N5 O2'
#
# COMPACT_ATOMS: atom_id res chain seq x y z
N TYR A 13 18.79 27.72 15.78
CA TYR A 13 18.10 26.76 14.87
C TYR A 13 16.59 26.72 15.17
N ILE A 14 15.77 26.77 14.13
CA ILE A 14 14.28 26.63 14.20
C ILE A 14 13.88 25.35 13.44
N SER A 15 13.00 24.53 14.05
CA SER A 15 12.38 23.34 13.43
C SER A 15 11.13 23.77 12.64
N ARG A 16 11.16 23.56 11.32
CA ARG A 16 10.03 23.87 10.41
C ARG A 16 8.76 23.13 10.88
N TYR A 17 8.86 21.81 11.08
CA TYR A 17 7.72 20.94 11.47
C TYR A 17 7.04 21.50 12.73
N LEU A 18 7.83 21.90 13.73
CA LEU A 18 7.34 22.28 15.08
C LEU A 18 6.67 23.66 15.05
N THR A 19 7.24 24.62 14.30
CA THR A 19 6.67 25.97 14.13
C THR A 19 5.35 25.87 13.36
N ASP A 20 5.36 25.25 12.16
CA ASP A 20 4.26 25.30 11.17
C ASP A 20 3.13 24.31 11.48
N PHE A 21 3.39 23.23 12.20
CA PHE A 21 2.36 22.20 12.53
C PHE A 21 2.25 22.03 14.05
N GLU A 22 1.06 21.72 14.54
CA GLU A 22 0.82 21.32 15.96
C GLU A 22 0.42 19.84 15.98
N PRO A 23 1.34 18.93 16.39
CA PRO A 23 1.11 17.49 16.34
C PRO A 23 -0.14 17.00 17.10
N ILE A 24 -0.75 15.92 16.61
CA ILE A 24 -2.04 15.36 17.11
C ILE A 24 -1.79 13.96 17.69
N GLN A 25 -1.10 13.09 16.94
CA GLN A 25 -0.84 11.68 17.33
C GLN A 25 0.14 11.02 16.35
N CYS A 26 0.42 9.73 16.58
CA CYS A 26 1.23 8.83 15.72
C CYS A 26 0.27 7.96 14.90
N LEU A 27 0.64 7.62 13.66
CA LEU A 27 -0.15 6.78 12.74
C LEU A 27 0.63 5.54 12.30
N GLY A 28 1.97 5.63 12.22
CA GLY A 28 2.85 4.62 11.59
C GLY A 28 4.06 4.29 12.43
N ARG A 29 4.18 3.00 12.82
CA ARG A 29 5.36 2.41 13.50
C ARG A 29 6.53 2.39 12.51
N GLY A 30 7.73 2.82 12.95
CA GLY A 30 8.91 3.03 12.10
C GLY A 30 10.07 2.12 12.46
N GLY A 31 10.82 1.66 11.45
CA GLY A 31 12.00 0.78 11.61
C GLY A 31 12.91 0.83 10.40
N GLY A 33 10.84 5.27 8.53
CA GLY A 33 10.76 6.07 9.76
C GLY A 33 9.33 6.19 10.28
N VAL A 34 8.98 7.36 10.80
CA VAL A 34 7.77 7.63 11.66
C VAL A 34 6.73 8.39 10.84
N VAL A 35 5.44 8.25 11.20
CA VAL A 35 4.29 8.92 10.54
C VAL A 35 3.39 9.54 11.61
N PHE A 36 3.27 10.87 11.63
CA PHE A 36 2.42 11.65 12.57
C PHE A 36 1.17 12.20 11.87
N GLU A 37 0.10 12.41 12.63
CA GLU A 37 -1.01 13.33 12.28
C GLU A 37 -0.66 14.71 12.87
N ALA A 38 -0.73 15.76 12.05
CA ALA A 38 -0.36 17.15 12.42
C ALA A 38 -1.27 18.13 11.68
N LYS A 39 -1.88 19.07 12.41
CA LYS A 39 -2.61 20.23 11.85
C LYS A 39 -1.59 21.25 11.37
N ASN A 40 -1.68 21.67 10.11
CA ASN A 40 -0.92 22.84 9.59
C ASN A 40 -1.58 24.10 10.18
N LYS A 41 -0.78 24.99 10.78
CA LYS A 41 -1.27 26.13 11.58
C LYS A 41 -1.88 27.17 10.64
N VAL A 42 -1.20 27.47 9.53
CA VAL A 42 -1.61 28.50 8.54
C VAL A 42 -2.95 28.11 7.88
N ASP A 43 -3.15 26.85 7.49
CA ASP A 43 -4.31 26.44 6.65
C ASP A 43 -5.34 25.62 7.44
N ASP A 44 -5.03 25.30 8.71
CA ASP A 44 -5.93 24.62 9.69
C ASP A 44 -6.35 23.23 9.20
N CYS A 45 -5.58 22.59 8.33
CA CYS A 45 -5.85 21.23 7.79
C CYS A 45 -4.92 20.20 8.44
N ASN A 46 -5.43 18.98 8.65
CA ASN A 46 -4.67 17.85 9.26
C ASN A 46 -4.06 16.99 8.15
N TYR A 47 -2.73 16.83 8.19
CA TYR A 47 -1.94 16.08 7.19
C TYR A 47 -1.34 14.83 7.83
N ALA A 48 -1.00 13.85 7.00
CA ALA A 48 -0.10 12.73 7.36
C ALA A 48 1.35 13.17 7.06
N ILE A 49 2.11 13.48 8.10
CA ILE A 49 3.55 13.86 8.00
C ILE A 49 4.38 12.60 8.29
N LYS A 50 5.35 12.30 7.42
CA LYS A 50 6.32 11.19 7.61
C LYS A 50 7.72 11.78 7.81
N ARG A 51 8.33 11.54 8.98
CA ARG A 51 9.74 11.90 9.27
C ARG A 51 10.63 10.68 9.03
N ILE A 52 11.41 10.71 7.96
CA ILE A 52 12.50 9.73 7.64
C ILE A 52 13.81 10.27 8.22
N ARG A 53 14.62 9.43 8.87
CA ARG A 53 16.06 9.71 9.09
C ARG A 53 16.81 9.30 7.83
N LEU A 54 17.56 10.22 7.23
CA LEU A 54 18.34 9.96 5.99
C LEU A 54 19.59 9.17 6.36
N PRO A 55 20.19 8.43 5.40
CA PRO A 55 21.49 7.79 5.63
C PRO A 55 22.59 8.84 5.85
N ASN A 56 23.76 8.39 6.35
CA ASN A 56 24.96 9.24 6.59
C ASN A 56 25.67 9.43 5.25
N ARG A 57 25.62 8.40 4.39
CA ARG A 57 26.34 8.31 3.09
C ARG A 57 25.76 9.36 2.14
N GLU A 58 26.62 10.16 1.49
CA GLU A 58 26.21 11.20 0.50
C GLU A 58 25.45 10.54 -0.66
N LEU A 59 25.96 9.42 -1.20
CA LEU A 59 25.43 8.80 -2.45
C LEU A 59 24.19 7.94 -2.15
N ALA A 60 23.95 7.60 -0.87
CA ALA A 60 22.71 6.95 -0.39
C ALA A 60 21.60 8.00 -0.29
N ARG A 61 21.91 9.15 0.34
CA ARG A 61 21.04 10.35 0.44
C ARG A 61 20.61 10.80 -0.96
N GLU A 62 21.57 10.96 -1.88
CA GLU A 62 21.32 11.50 -3.24
C GLU A 62 20.44 10.55 -4.04
N LYS A 63 20.30 9.28 -3.61
CA LYS A 63 19.43 8.28 -4.28
C LYS A 63 18.00 8.43 -3.76
N VAL A 64 17.83 8.63 -2.45
CA VAL A 64 16.53 8.97 -1.79
C VAL A 64 15.96 10.21 -2.47
N MET A 65 16.69 11.32 -2.42
CA MET A 65 16.30 12.63 -3.01
C MET A 65 15.86 12.46 -4.46
N ARG A 66 16.64 11.74 -5.27
CA ARG A 66 16.32 11.47 -6.69
C ARG A 66 14.93 10.80 -6.77
N GLU A 67 14.57 10.01 -5.75
CA GLU A 67 13.27 9.29 -5.66
C GLU A 67 12.15 10.31 -5.37
N VAL A 68 12.26 11.09 -4.29
CA VAL A 68 11.18 12.05 -3.91
C VAL A 68 10.88 12.92 -5.13
N LYS A 69 11.93 13.33 -5.84
CA LYS A 69 11.86 14.09 -7.12
C LYS A 69 10.86 13.43 -8.07
N ALA A 70 10.89 12.10 -8.20
CA ALA A 70 10.13 11.34 -9.22
C ALA A 70 8.74 10.95 -8.70
N LEU A 71 8.57 10.89 -7.37
CA LEU A 71 7.28 10.56 -6.71
C LEU A 71 6.39 11.81 -6.62
N ALA A 72 7.00 12.96 -6.30
CA ALA A 72 6.37 14.30 -6.32
C ALA A 72 5.61 14.50 -7.63
N LYS A 73 6.21 14.12 -8.76
CA LYS A 73 5.64 14.30 -10.13
C LYS A 73 4.35 13.49 -10.29
N LEU A 74 4.17 12.41 -9.52
CA LEU A 74 3.05 11.45 -9.72
C LEU A 74 1.73 12.13 -9.36
N GLU A 75 0.73 11.98 -10.23
CA GLU A 75 -0.69 12.34 -9.97
C GLU A 75 -1.57 11.21 -10.50
N HIS A 76 -2.38 10.60 -9.62
CA HIS A 76 -3.31 9.49 -9.93
C HIS A 76 -4.34 9.38 -8.81
N PRO A 77 -5.60 8.99 -9.13
CA PRO A 77 -6.64 8.86 -8.10
C PRO A 77 -6.38 7.77 -7.04
N GLY A 78 -5.54 6.78 -7.36
CA GLY A 78 -5.15 5.69 -6.44
C GLY A 78 -3.90 6.01 -5.62
N ILE A 79 -3.26 7.15 -5.89
CA ILE A 79 -2.03 7.60 -5.17
C ILE A 79 -2.40 8.73 -4.21
N VAL A 80 -2.06 8.57 -2.94
CA VAL A 80 -2.31 9.61 -1.89
C VAL A 80 -1.76 10.94 -2.40
N ARG A 81 -2.50 12.03 -2.17
CA ARG A 81 -2.15 13.40 -2.64
C ARG A 81 -0.93 13.91 -1.85
N TYR A 82 0.10 14.33 -2.58
CA TYR A 82 1.34 14.97 -2.06
C TYR A 82 1.10 16.47 -1.85
N PHE A 83 1.77 17.07 -0.86
CA PHE A 83 1.72 18.52 -0.55
C PHE A 83 3.13 19.12 -0.51
N ASN A 84 3.99 18.63 0.39
CA ASN A 84 5.34 19.24 0.59
C ASN A 84 6.34 18.18 1.04
N ALA A 85 7.61 18.42 0.70
CA ALA A 85 8.81 17.66 1.15
C ALA A 85 9.89 18.67 1.58
N TRP A 86 10.56 18.43 2.71
CA TRP A 86 11.61 19.36 3.21
C TRP A 86 12.53 18.66 4.21
N LEU A 87 13.73 19.22 4.37
CA LEU A 87 14.83 18.70 5.22
C LEU A 87 14.94 19.54 6.48
N GLU A 88 15.34 18.89 7.57
CA GLU A 88 15.77 19.53 8.84
C GLU A 88 17.07 18.86 9.27
N ALA A 89 18.06 19.65 9.70
CA ALA A 89 19.35 19.19 10.26
C ALA A 89 19.52 19.82 11.64
N PRO A 90 18.85 19.29 12.68
CA PRO A 90 18.86 19.91 14.00
C PRO A 90 20.15 19.62 14.76
N PRO A 91 20.47 20.39 15.82
CA PRO A 91 21.64 20.12 16.66
C PRO A 91 21.50 18.78 17.39
N GLU A 92 22.63 18.21 17.83
CA GLU A 92 22.68 16.94 18.60
C GLU A 92 21.96 17.14 19.93
N LYS A 93 20.83 16.45 20.13
CA LYS A 93 20.10 16.39 21.42
C LYS A 93 21.05 15.90 22.51
N TRP A 94 21.89 14.91 22.19
CA TRP A 94 22.82 14.21 23.13
C TRP A 94 24.18 14.03 22.45
N PRO A 103 25.78 14.34 13.08
CA PRO A 103 25.44 14.85 11.74
C PRO A 103 24.17 14.19 11.16
N LYS A 104 23.05 14.29 11.88
CA LYS A 104 21.76 13.61 11.55
C LYS A 104 20.81 14.60 10.85
N VAL A 105 20.25 14.19 9.71
CA VAL A 105 19.35 15.02 8.84
C VAL A 105 18.10 14.21 8.49
N TYR A 106 16.92 14.72 8.88
CA TYR A 106 15.60 14.08 8.65
C TYR A 106 14.92 14.68 7.40
N LEU A 107 14.26 13.83 6.61
CA LEU A 107 13.37 14.24 5.50
C LEU A 107 11.91 14.11 5.94
N TYR A 108 11.16 15.21 5.87
CA TYR A 108 9.69 15.24 6.09
C TYR A 108 8.97 15.20 4.75
N ILE A 109 7.92 14.37 4.63
CA ILE A 109 6.93 14.46 3.53
C ILE A 109 5.54 14.67 4.17
N GLN A 110 4.79 15.62 3.62
CA GLN A 110 3.41 15.98 4.05
C GLN A 110 2.46 15.40 3.00
N MET A 111 1.56 14.51 3.42
CA MET A 111 0.62 13.80 2.52
C MET A 111 -0.82 14.05 3.01
N GLN A 112 -1.79 13.95 2.09
CA GLN A 112 -3.23 13.97 2.43
C GLN A 112 -3.47 12.96 3.56
N LEU A 113 -4.11 13.36 4.64
CA LEU A 113 -4.55 12.45 5.72
C LEU A 113 -5.78 11.68 5.23
N CYS A 114 -5.70 10.35 5.19
CA CYS A 114 -6.78 9.45 4.73
C CYS A 114 -7.73 9.14 5.91
N ARG A 115 -8.84 8.46 5.61
CA ARG A 115 -9.78 7.95 6.64
C ARG A 115 -9.05 6.94 7.53
N LYS A 116 -9.32 6.98 8.84
CA LYS A 116 -8.60 6.19 9.87
C LYS A 116 -8.95 4.69 9.72
N GLU A 117 -10.14 4.38 9.23
CA GLU A 117 -10.55 3.00 8.86
C GLU A 117 -9.85 2.62 7.54
N ASN A 118 -8.80 1.79 7.62
CA ASN A 118 -8.05 1.28 6.43
C ASN A 118 -8.74 0.02 5.90
N LEU A 119 -8.17 -0.64 4.88
CA LEU A 119 -8.80 -1.79 4.19
C LEU A 119 -8.88 -2.99 5.14
N LYS A 120 -7.90 -3.17 6.02
CA LYS A 120 -7.91 -4.22 7.07
C LYS A 120 -9.13 -3.97 7.96
N ASP A 121 -9.22 -2.76 8.53
CA ASP A 121 -10.32 -2.32 9.44
C ASP A 121 -11.66 -2.56 8.72
N TRP A 122 -11.79 -2.15 7.47
CA TRP A 122 -13.01 -2.34 6.62
C TRP A 122 -13.37 -3.82 6.58
N MET A 123 -12.39 -4.67 6.25
CA MET A 123 -12.54 -6.15 6.12
C MET A 123 -12.88 -6.76 7.50
N ASN A 124 -12.20 -6.34 8.57
CA ASN A 124 -12.40 -6.86 9.95
C ASN A 124 -13.82 -6.56 10.45
N GLY A 125 -14.52 -5.58 9.85
CA GLY A 125 -15.87 -5.17 10.26
C GLY A 125 -16.95 -5.88 9.47
N ARG A 126 -16.59 -6.68 8.47
CA ARG A 126 -17.55 -7.37 7.55
C ARG A 126 -17.15 -8.83 7.37
N CYS A 127 -17.60 -9.72 8.27
CA CYS A 127 -17.14 -11.14 8.35
C CYS A 127 -18.18 -12.10 7.80
N THR A 128 -19.12 -11.62 6.97
CA THR A 128 -20.17 -12.45 6.31
C THR A 128 -20.16 -12.13 4.81
N ILE A 129 -20.35 -13.14 3.95
CA ILE A 129 -20.33 -12.98 2.46
C ILE A 129 -21.41 -11.96 2.06
N GLU A 130 -22.50 -11.86 2.83
CA GLU A 130 -23.58 -10.84 2.67
C GLU A 130 -22.97 -9.44 2.65
N GLU A 131 -22.10 -9.13 3.62
CA GLU A 131 -21.49 -7.79 3.84
C GLU A 131 -20.40 -7.53 2.80
N ARG A 132 -19.86 -8.60 2.18
CA ARG A 132 -18.81 -8.54 1.13
C ARG A 132 -19.49 -8.61 -0.24
N GLU A 133 -20.27 -7.58 -0.58
CA GLU A 133 -21.04 -7.46 -1.84
C GLU A 133 -20.08 -7.61 -3.02
N ARG A 134 -20.16 -8.73 -3.75
CA ARG A 134 -19.25 -9.10 -4.87
C ARG A 134 -18.83 -7.85 -5.64
N SER A 135 -19.79 -7.01 -6.06
CA SER A 135 -19.58 -5.83 -6.94
C SER A 135 -18.77 -4.75 -6.21
N VAL A 136 -19.03 -4.51 -4.93
CA VAL A 136 -18.27 -3.51 -4.09
C VAL A 136 -16.81 -3.96 -3.99
N CYS A 137 -16.58 -5.23 -3.70
CA CYS A 137 -15.23 -5.84 -3.50
C CYS A 137 -14.39 -5.66 -4.76
N LEU A 138 -14.92 -6.04 -5.92
CA LEU A 138 -14.21 -5.95 -7.22
C LEU A 138 -13.88 -4.48 -7.54
N HIS A 139 -14.82 -3.56 -7.24
CA HIS A 139 -14.66 -2.09 -7.40
C HIS A 139 -13.46 -1.63 -6.57
N ILE A 140 -13.46 -1.90 -5.26
CA ILE A 140 -12.31 -1.63 -4.35
C ILE A 140 -11.02 -2.16 -4.99
N PHE A 141 -11.00 -3.45 -5.35
CA PHE A 141 -9.81 -4.14 -5.94
C PHE A 141 -9.35 -3.40 -7.19
N LEU A 142 -10.27 -3.14 -8.14
CA LEU A 142 -9.96 -2.51 -9.45
C LEU A 142 -9.17 -1.21 -9.24
N GLN A 143 -9.52 -0.42 -8.22
CA GLN A 143 -8.83 0.84 -7.88
C GLN A 143 -7.38 0.50 -7.49
N ILE A 144 -7.20 -0.44 -6.56
CA ILE A 144 -5.85 -0.91 -6.11
C ILE A 144 -5.07 -1.35 -7.35
N ALA A 145 -5.69 -2.09 -8.26
CA ALA A 145 -5.06 -2.64 -9.48
C ALA A 145 -4.67 -1.48 -10.42
N GLU A 146 -5.59 -0.53 -10.65
CA GLU A 146 -5.38 0.64 -11.54
C GLU A 146 -4.21 1.49 -11.04
N ALA A 147 -4.12 1.72 -9.73
CA ALA A 147 -3.00 2.42 -9.06
C ALA A 147 -1.68 1.71 -9.37
N VAL A 148 -1.68 0.38 -9.32
CA VAL A 148 -0.45 -0.46 -9.48
C VAL A 148 -0.03 -0.41 -10.94
N GLU A 149 -0.99 -0.47 -11.86
CA GLU A 149 -0.75 -0.31 -13.32
C GLU A 149 0.01 1.01 -13.54
N PHE A 150 -0.60 2.12 -13.09
CA PHE A 150 -0.05 3.49 -13.18
C PHE A 150 1.42 3.48 -12.73
N LEU A 151 1.70 2.99 -11.52
CA LEU A 151 3.07 2.97 -10.95
C LEU A 151 3.99 2.19 -11.89
N HIS A 152 3.58 0.99 -12.32
CA HIS A 152 4.35 0.13 -13.25
C HIS A 152 4.62 0.88 -14.56
N SER A 153 3.59 1.56 -15.11
CA SER A 153 3.67 2.36 -16.37
C SER A 153 4.75 3.44 -16.25
N LYS A 154 4.96 3.99 -15.05
CA LYS A 154 6.02 4.98 -14.75
C LYS A 154 7.27 4.27 -14.22
N GLY A 155 7.44 2.99 -14.56
CA GLY A 155 8.59 2.16 -14.15
C GLY A 155 8.84 2.19 -12.66
N LEU A 156 7.76 2.18 -11.86
CA LEU A 156 7.84 2.15 -10.38
C LEU A 156 7.08 0.92 -9.87
N MET A 157 7.53 0.38 -8.73
CA MET A 157 6.88 -0.76 -8.04
C MET A 157 6.55 -0.33 -6.61
N HIS A 158 5.39 -0.75 -6.09
CA HIS A 158 4.88 -0.37 -4.75
C HIS A 158 5.63 -1.15 -3.68
N ARG A 159 5.61 -2.49 -3.78
CA ARG A 159 6.47 -3.40 -2.99
C ARG A 159 6.00 -3.43 -1.53
N ASN A 160 4.79 -2.95 -1.25
CA ASN A 160 4.30 -2.76 0.14
C ASN A 160 2.76 -2.83 0.18
N LEU A 161 2.13 -3.57 -0.74
CA LEU A 161 0.65 -3.72 -0.80
C LEU A 161 0.18 -4.72 0.26
N LYS A 162 -0.73 -4.28 1.13
CA LYS A 162 -1.37 -5.12 2.17
C LYS A 162 -2.54 -4.32 2.76
N PRO A 163 -3.60 -4.99 3.26
CA PRO A 163 -4.82 -4.28 3.67
C PRO A 163 -4.58 -3.19 4.73
N SER A 164 -3.53 -3.33 5.54
CA SER A 164 -3.16 -2.34 6.58
C SER A 164 -2.59 -1.07 5.94
N ASN A 165 -2.09 -1.16 4.71
CA ASN A 165 -1.45 -0.04 3.96
C ASN A 165 -2.23 0.19 2.66
N ILE A 166 -3.55 0.05 2.72
CA ILE A 166 -4.50 0.48 1.65
C ILE A 166 -5.61 1.28 2.33
N PHE A 167 -5.81 2.52 1.89
CA PHE A 167 -6.67 3.51 2.58
C PHE A 167 -7.84 3.93 1.69
N PHE A 168 -8.77 4.64 2.31
CA PHE A 168 -9.84 5.42 1.65
C PHE A 168 -9.62 6.89 2.00
N THR A 169 -9.92 7.81 1.07
CA THR A 169 -9.98 9.26 1.35
C THR A 169 -11.26 9.54 2.12
N MET A 170 -11.42 10.76 2.64
CA MET A 170 -12.70 11.21 3.27
C MET A 170 -13.81 11.10 2.21
N ASP A 171 -13.48 11.34 0.94
CA ASP A 171 -14.39 11.18 -0.23
C ASP A 171 -14.60 9.70 -0.57
N ASP A 172 -14.00 8.78 0.19
CA ASP A 172 -14.26 7.31 0.10
C ASP A 172 -13.63 6.74 -1.19
N VAL A 173 -12.49 7.30 -1.62
CA VAL A 173 -11.68 6.77 -2.77
C VAL A 173 -10.56 5.89 -2.21
N VAL A 174 -10.28 4.77 -2.89
CA VAL A 174 -9.21 3.80 -2.50
C VAL A 174 -7.86 4.37 -2.93
N LYS A 175 -6.89 4.33 -2.00
CA LYS A 175 -5.47 4.70 -2.22
C LYS A 175 -4.59 3.52 -1.82
N VAL A 176 -3.66 3.12 -2.69
CA VAL A 176 -2.50 2.30 -2.27
C VAL A 176 -1.71 3.15 -1.28
N GLY A 177 -1.27 2.56 -0.17
CA GLY A 177 -0.69 3.31 0.97
C GLY A 177 0.77 3.65 0.74
N ASP A 178 1.50 3.80 1.85
CA ASP A 178 2.91 4.25 1.87
C ASP A 178 3.77 3.31 1.00
N PHE A 179 4.79 3.87 0.35
CA PHE A 179 5.79 3.13 -0.49
C PHE A 179 6.95 4.05 -0.86
N GLY A 180 8.04 3.46 -1.35
CA GLY A 180 9.29 4.15 -1.72
C GLY A 180 10.03 4.70 -0.51
N LEU A 181 11.25 5.20 -0.72
CA LEU A 181 12.08 5.91 0.30
C LEU A 181 12.45 4.93 1.43
N VAL A 182 13.15 3.85 1.11
CA VAL A 182 13.52 2.77 2.08
C VAL A 182 14.99 2.93 2.48
N THR A 183 15.30 2.71 3.77
CA THR A 183 16.67 2.76 4.37
C THR A 183 16.86 1.57 5.30
N THR A 210 4.89 -7.64 9.01
CA THR A 210 4.09 -8.76 8.46
C THR A 210 4.57 -9.07 7.04
N LYS A 211 4.79 -10.35 6.73
CA LYS A 211 5.41 -10.84 5.47
C LYS A 211 4.40 -11.67 4.68
N LEU A 212 3.13 -11.65 5.11
CA LEU A 212 2.04 -12.55 4.66
C LEU A 212 1.61 -12.20 3.22
N TYR A 213 1.86 -10.97 2.76
CA TYR A 213 1.43 -10.47 1.42
C TYR A 213 2.63 -10.25 0.49
N MET A 214 3.86 -10.37 0.99
CA MET A 214 5.09 -10.31 0.15
C MET A 214 5.15 -11.58 -0.69
N SER A 215 5.55 -11.49 -1.95
CA SER A 215 5.84 -12.67 -2.81
C SER A 215 6.99 -13.44 -2.18
N PRO A 216 7.18 -14.75 -2.50
CA PRO A 216 8.24 -15.54 -1.87
C PRO A 216 9.62 -15.04 -2.28
N GLU A 217 9.80 -14.63 -3.55
CA GLU A 217 11.10 -14.10 -4.06
C GLU A 217 11.43 -12.78 -3.37
N GLN A 218 10.42 -12.03 -2.93
CA GLN A 218 10.61 -10.79 -2.12
C GLN A 218 11.21 -11.16 -0.76
N ILE A 219 10.86 -12.33 -0.22
CA ILE A 219 11.27 -12.79 1.15
C ILE A 219 12.64 -13.50 1.09
N HIS A 220 13.08 -14.00 -0.08
CA HIS A 220 14.38 -14.69 -0.27
C HIS A 220 15.15 -14.07 -1.45
N GLY A 221 16.23 -13.34 -1.16
CA GLY A 221 16.92 -12.43 -2.10
C GLY A 221 16.28 -11.05 -2.09
N ASN A 222 16.80 -10.12 -2.90
CA ASN A 222 16.13 -8.80 -3.13
C ASN A 222 14.97 -9.04 -4.12
N SER A 223 13.91 -8.23 -4.03
CA SER A 223 12.67 -8.33 -4.84
C SER A 223 12.89 -7.78 -6.25
N TYR A 224 13.84 -8.35 -6.99
CA TYR A 224 14.32 -7.88 -8.32
C TYR A 224 13.12 -7.55 -9.22
N SER A 225 12.07 -8.37 -9.17
CA SER A 225 10.89 -8.31 -10.06
C SER A 225 9.93 -7.21 -9.57
N HIS A 226 9.18 -6.60 -10.48
CA HIS A 226 8.04 -5.70 -10.17
C HIS A 226 6.75 -6.54 -10.02
N LYS A 227 6.82 -7.81 -10.44
CA LYS A 227 5.70 -8.79 -10.37
C LYS A 227 5.33 -9.03 -8.90
N VAL A 228 6.25 -8.80 -7.96
CA VAL A 228 6.00 -8.85 -6.49
C VAL A 228 4.62 -8.23 -6.20
N ASP A 229 4.31 -7.10 -6.83
CA ASP A 229 3.04 -6.36 -6.61
C ASP A 229 1.86 -7.22 -7.07
N ILE A 230 2.02 -7.94 -8.19
CA ILE A 230 0.95 -8.78 -8.79
C ILE A 230 0.59 -9.91 -7.82
N PHE A 231 1.61 -10.49 -7.17
CA PHE A 231 1.42 -11.52 -6.12
C PHE A 231 0.54 -10.95 -5.00
N SER A 232 0.97 -9.84 -4.39
CA SER A 232 0.24 -9.13 -3.32
C SER A 232 -1.23 -8.93 -3.72
N LEU A 233 -1.47 -8.53 -4.96
CA LEU A 233 -2.83 -8.27 -5.51
C LEU A 233 -3.63 -9.57 -5.46
N GLY A 234 -3.03 -10.66 -5.90
CA GLY A 234 -3.62 -12.02 -5.85
C GLY A 234 -4.28 -12.29 -4.51
N LEU A 235 -3.52 -12.15 -3.43
CA LEU A 235 -4.00 -12.39 -2.04
C LEU A 235 -5.12 -11.41 -1.70
N ILE A 236 -4.91 -10.13 -1.93
CA ILE A 236 -5.89 -9.06 -1.57
C ILE A 236 -7.23 -9.39 -2.24
N LEU A 237 -7.24 -9.70 -3.55
CA LEU A 237 -8.49 -10.01 -4.29
C LEU A 237 -9.22 -11.13 -3.57
N PHE A 238 -8.53 -12.24 -3.30
CA PHE A 238 -9.07 -13.42 -2.56
C PHE A 238 -9.68 -12.94 -1.24
N GLU A 239 -8.85 -12.36 -0.36
CA GLU A 239 -9.23 -11.96 1.01
C GLU A 239 -10.49 -11.07 0.98
N LEU A 240 -10.64 -10.22 -0.04
CA LEU A 240 -11.83 -9.34 -0.21
C LEU A 240 -13.08 -10.21 -0.39
N LEU A 241 -12.99 -11.22 -1.25
CA LEU A 241 -14.14 -12.05 -1.69
C LEU A 241 -14.47 -13.15 -0.67
N TYR A 242 -13.56 -13.42 0.27
CA TYR A 242 -13.67 -14.53 1.25
C TYR A 242 -13.41 -14.01 2.65
N PRO A 243 -14.47 -13.60 3.39
CA PRO A 243 -14.29 -13.06 4.74
C PRO A 243 -13.78 -14.11 5.74
N PHE A 244 -13.29 -13.66 6.90
CA PHE A 244 -12.74 -14.53 7.97
C PHE A 244 -13.51 -14.26 9.28
N SER A 245 -13.66 -15.32 10.08
CA SER A 245 -14.34 -15.32 11.41
C SER A 245 -13.32 -15.02 12.51
N THR A 246 -12.13 -15.61 12.42
CA THR A 246 -11.05 -15.51 13.44
C THR A 246 -9.74 -15.08 12.77
N GLN A 247 -8.77 -14.64 13.58
CA GLN A 247 -7.37 -14.36 13.18
C GLN A 247 -6.71 -15.68 12.75
N MET A 248 -6.78 -16.69 13.63
CA MET A 248 -6.24 -18.07 13.40
C MET A 248 -6.63 -18.52 11.99
N GLU A 249 -7.93 -18.47 11.67
CA GLU A 249 -8.52 -18.92 10.37
C GLU A 249 -7.85 -18.16 9.23
N ARG A 250 -7.69 -16.83 9.38
CA ARG A 250 -7.15 -15.92 8.33
C ARG A 250 -5.70 -16.31 8.01
N VAL A 251 -4.83 -16.34 9.02
CA VAL A 251 -3.39 -16.73 8.87
C VAL A 251 -3.34 -18.06 8.11
N ARG A 252 -3.98 -19.10 8.67
CA ARG A 252 -4.00 -20.48 8.12
C ARG A 252 -4.40 -20.45 6.65
N THR A 253 -5.53 -19.81 6.33
CA THR A 253 -6.18 -19.88 5.00
C THR A 253 -5.35 -19.14 3.95
N LEU A 254 -4.80 -17.96 4.30
CA LEU A 254 -3.95 -17.16 3.37
C LEU A 254 -2.65 -17.92 3.13
N THR A 255 -1.99 -18.38 4.20
CA THR A 255 -0.76 -19.23 4.14
C THR A 255 -1.00 -20.40 3.17
N ASP A 256 -2.21 -20.97 3.15
CA ASP A 256 -2.57 -22.09 2.23
C ASP A 256 -2.71 -21.54 0.80
N VAL A 257 -3.45 -20.44 0.61
CA VAL A 257 -3.72 -19.84 -0.73
C VAL A 257 -2.38 -19.43 -1.37
N ARG A 258 -1.41 -18.98 -0.57
CA ARG A 258 -0.01 -18.72 -1.02
C ARG A 258 0.54 -19.97 -1.73
N ASN A 259 0.24 -21.15 -1.18
CA ASN A 259 0.68 -22.47 -1.71
C ASN A 259 -0.39 -23.05 -2.66
N LEU A 260 -1.36 -22.24 -3.08
CA LEU A 260 -2.37 -22.58 -4.13
C LEU A 260 -3.31 -23.68 -3.60
N LYS A 261 -3.58 -23.66 -2.30
CA LYS A 261 -4.54 -24.57 -1.61
C LYS A 261 -5.76 -23.74 -1.22
N PHE A 262 -6.68 -23.54 -2.16
CA PHE A 262 -7.87 -22.64 -2.04
C PHE A 262 -9.04 -23.38 -1.37
N PRO A 263 -9.79 -22.73 -0.47
CA PRO A 263 -11.03 -23.30 0.07
C PRO A 263 -11.97 -23.74 -1.05
N PRO A 264 -12.69 -24.89 -0.89
CA PRO A 264 -13.49 -25.45 -1.97
C PRO A 264 -14.73 -24.59 -2.27
N LEU A 265 -15.27 -23.91 -1.25
CA LEU A 265 -16.47 -23.03 -1.37
C LEU A 265 -16.11 -21.84 -2.26
N PHE A 266 -14.89 -21.31 -2.13
CA PHE A 266 -14.35 -20.19 -2.96
C PHE A 266 -14.32 -20.63 -4.43
N THR A 267 -13.59 -21.70 -4.73
CA THR A 267 -13.34 -22.22 -6.09
C THR A 267 -14.67 -22.37 -6.85
N GLN A 268 -15.71 -22.86 -6.15
CA GLN A 268 -17.08 -23.08 -6.72
C GLN A 268 -17.79 -21.74 -6.90
N LYS A 269 -17.75 -20.88 -5.87
CA LYS A 269 -18.59 -19.65 -5.76
C LYS A 269 -18.11 -18.58 -6.74
N TYR A 270 -16.80 -18.46 -6.95
CA TYR A 270 -16.16 -17.47 -7.86
C TYR A 270 -15.22 -18.21 -8.82
N PRO A 271 -15.72 -18.76 -9.94
CA PRO A 271 -14.89 -19.57 -10.84
C PRO A 271 -13.84 -18.75 -11.60
N CYS A 272 -14.22 -17.57 -12.10
CA CYS A 272 -13.37 -16.68 -12.94
C CYS A 272 -12.25 -16.07 -12.09
N GLU A 273 -12.62 -15.46 -10.97
CA GLU A 273 -11.71 -14.84 -9.98
C GLU A 273 -10.62 -15.85 -9.60
N TYR A 274 -11.02 -17.11 -9.38
CA TYR A 274 -10.14 -18.24 -8.98
C TYR A 274 -8.99 -18.41 -9.99
N VAL A 275 -9.26 -18.24 -11.29
CA VAL A 275 -8.22 -18.40 -12.35
C VAL A 275 -7.31 -17.17 -12.30
N MET A 276 -7.89 -15.98 -12.13
CA MET A 276 -7.15 -14.69 -11.99
C MET A 276 -6.18 -14.81 -10.81
N VAL A 277 -6.70 -15.23 -9.65
CA VAL A 277 -5.92 -15.33 -8.39
C VAL A 277 -4.87 -16.44 -8.50
N GLN A 278 -5.14 -17.46 -9.32
CA GLN A 278 -4.16 -18.54 -9.63
C GLN A 278 -3.02 -17.94 -10.45
N ASP A 279 -3.34 -17.20 -11.52
CA ASP A 279 -2.38 -16.52 -12.42
C ASP A 279 -1.48 -15.61 -11.55
N MET A 280 -2.11 -14.67 -10.84
CA MET A 280 -1.43 -13.64 -10.00
C MET A 280 -0.47 -14.32 -9.00
N LEU A 281 -0.78 -15.54 -8.57
CA LEU A 281 -0.04 -16.26 -7.50
C LEU A 281 0.93 -17.30 -8.09
N SER A 282 1.03 -17.39 -9.42
CA SER A 282 2.03 -18.25 -10.13
C SER A 282 3.34 -18.18 -9.38
N PRO A 283 3.94 -19.32 -8.97
CA PRO A 283 5.18 -19.29 -8.19
C PRO A 283 6.34 -18.73 -9.01
N SER A 284 6.24 -18.84 -10.35
CA SER A 284 7.19 -18.27 -11.35
C SER A 284 6.73 -16.86 -11.74
N PRO A 285 7.45 -15.80 -11.31
CA PRO A 285 7.04 -14.42 -11.60
C PRO A 285 6.69 -14.16 -13.06
N MET A 286 7.57 -14.57 -13.99
CA MET A 286 7.40 -14.30 -15.45
C MET A 286 6.04 -14.84 -15.93
N GLU A 287 5.47 -15.81 -15.21
CA GLU A 287 4.19 -16.48 -15.59
C GLU A 287 2.99 -15.60 -15.19
N ARG A 288 3.12 -14.81 -14.12
CA ARG A 288 2.05 -13.92 -13.58
C ARG A 288 1.68 -12.85 -14.60
N PRO A 289 0.43 -12.34 -14.60
CA PRO A 289 0.01 -11.32 -15.54
C PRO A 289 0.61 -9.94 -15.19
N GLU A 290 0.64 -9.02 -16.16
CA GLU A 290 0.98 -7.60 -15.93
C GLU A 290 -0.22 -6.93 -15.25
N ALA A 291 0.01 -5.80 -14.59
CA ALA A 291 -1.03 -5.00 -13.91
C ALA A 291 -2.17 -4.70 -14.90
N ILE A 292 -1.82 -4.24 -16.09
CA ILE A 292 -2.77 -3.85 -17.19
C ILE A 292 -3.67 -5.04 -17.54
N ASN A 293 -3.10 -6.26 -17.61
CA ASN A 293 -3.81 -7.51 -18.02
C ASN A 293 -4.96 -7.81 -17.06
N ILE A 294 -4.77 -7.53 -15.77
CA ILE A 294 -5.77 -7.75 -14.69
C ILE A 294 -6.94 -6.78 -14.88
N ILE A 295 -6.65 -5.49 -15.15
CA ILE A 295 -7.69 -4.44 -15.34
C ILE A 295 -8.57 -4.85 -16.53
N GLU A 296 -7.95 -5.29 -17.62
CA GLU A 296 -8.63 -5.60 -18.92
C GLU A 296 -9.46 -6.88 -18.78
N ASN A 297 -9.19 -7.72 -17.77
CA ASN A 297 -9.91 -8.99 -17.49
C ASN A 297 -11.43 -8.75 -17.50
N ALA A 298 -12.18 -9.62 -18.16
CA ALA A 298 -13.63 -9.50 -18.45
C ALA A 298 -14.44 -9.37 -17.17
N VAL A 299 -13.89 -9.82 -16.03
CA VAL A 299 -14.56 -9.85 -14.70
C VAL A 299 -15.02 -8.44 -14.31
N PHE A 300 -14.32 -7.39 -14.77
CA PHE A 300 -14.60 -5.97 -14.45
C PHE A 300 -15.44 -5.32 -15.56
N GLU A 301 -15.39 -5.86 -16.77
CA GLU A 301 -15.82 -5.22 -18.05
C GLU A 301 -17.03 -4.28 -17.86
N ASP A 302 -18.15 -4.81 -17.36
CA ASP A 302 -19.43 -4.06 -17.22
C ASP A 302 -19.78 -3.85 -15.74
N LEU A 303 -19.24 -4.67 -14.82
CA LEU A 303 -19.36 -4.51 -13.35
C LEU A 303 -20.84 -4.60 -12.94
C1 WQ2 B . 0.83 7.39 4.03
C2 WQ2 B . 2.19 7.91 4.16
C3 WQ2 B . 2.96 8.11 3.03
C4 WQ2 B . 2.45 7.82 1.76
F2 WQ2 B . 7.06 13.07 -3.19
C23 WQ2 B . 6.85 12.31 -2.13
F WQ2 B . 7.96 11.67 -1.86
F1 WQ2 B . 6.56 12.99 -1.03
C12 WQ2 B . 5.74 11.33 -2.47
C11 WQ2 B . 5.61 10.14 -1.75
C13 WQ2 B . 4.84 11.61 -3.50
C14 WQ2 B . 3.82 10.71 -3.82
C15 WQ2 B . 3.69 9.52 -3.10
C10 WQ2 B . 4.57 9.24 -2.06
C9 WQ2 B . 4.43 7.96 -1.33
O1 WQ2 B . 5.54 7.81 -0.42
C8 WQ2 B . 3.16 7.84 -0.53
O WQ2 B . 2.11 7.48 -1.05
N WQ2 B . 3.32 8.08 0.76
C5 WQ2 B . 1.15 7.31 1.63
C WQ2 B . 0.35 7.08 2.76
C6 WQ2 B . 2.77 8.24 5.51
C7 WQ2 B . 0.03 7.11 5.24
C18 WQ2 B . 0.46 6.22 6.23
N1 WQ2 B . -0.44 6.10 7.22
C21 WQ2 B . -0.26 5.25 8.42
C17 WQ2 B . -1.51 6.86 6.97
N3 WQ2 B . -2.65 7.07 7.65
C20 WQ2 B . -3.59 7.90 7.17
C22 WQ2 B . -4.86 8.09 7.97
N2 WQ2 B . -3.45 8.57 5.99
C19 WQ2 B . -2.35 8.46 5.21
C16 WQ2 B . -1.29 7.55 5.69
N4 WQ2 B . -2.21 9.12 4.04
#